data_6RWZ
#
_entry.id   6RWZ
#
_cell.length_a   52.920
_cell.length_b   71.360
_cell.length_c   57.349
_cell.angle_alpha   90.000
_cell.angle_beta   93.730
_cell.angle_gamma   90.000
#
_symmetry.space_group_name_H-M   'P 1 21 1'
#
loop_
_entity.id
_entity.type
_entity.pdbx_description
1 polymer 'Non-structural protein 3'
2 non-polymer 'MANGANESE (II) ION'
3 non-polymer 'BERYLLIUM TRIFLUORIDE ION'
4 non-polymer "ADENOSINE-5'-DIPHOSPHATE"
5 water water
#
_entity_poly.entity_id   1
_entity_poly.type   'polypeptide(L)'
_entity_poly.pdbx_seq_one_letter_code
;MGSSHHHHHHMLKKKQLTVLDLHPGAGKTRRVLPEIVREAIKTRLRTVILAPTRVVAAEMEEALRGLPVRYMTTAVNVTH
SGTEIVDLMCHATFTSRLLQPIRVPNYNLYIMDEAHFTDPSSIAARGYISTRVEMGEAAAIFMTATPPGTRDAFPDSNSP
IMDTEVEVPERAWSSGFDWVTDYSGKTVWFVPSVRNGNEIAACLTKAGKRVIQLSRKTFETEFQKTKHQEWDFVVTTDIS
EMGANFKADRVIDSRRCLKPVILDGERVILAGPMPVTHASAAQRRGRIGRNPNKPGDEYLYGGGCAETDEDHAHWLEARM
LLDNIYLQDGLIASLYRPEADKVAAIEGEFKLRTEQRKTFVELMKRGDLPVWLAYQVASAGITYTDRRWCFDGTTNNTIM
EDSVPAEVWTRHGEKRVLKPRWMDARVCSDHAALKSFKEFAAGKRGAAFGV
;
_entity_poly.pdbx_strand_id   A
#
loop_
_chem_comp.id
_chem_comp.type
_chem_comp.name
_chem_comp.formula
ADP non-polymer ADENOSINE-5'-DIPHOSPHATE 'C10 H15 N5 O10 P2'
BEF non-polymer 'BERYLLIUM TRIFLUORIDE ION' 'Be F3 -1'
MN non-polymer 'MANGANESE (II) ION' 'Mn 2'
#
# COMPACT_ATOMS: atom_id res chain seq x y z
N HIS A 5 1.17 28.58 -13.09
CA HIS A 5 0.52 29.79 -13.75
C HIS A 5 0.05 29.57 -15.20
N HIS A 6 -0.10 28.30 -15.57
CA HIS A 6 -0.70 27.89 -16.82
C HIS A 6 -1.80 26.90 -16.50
N HIS A 7 -2.85 27.41 -15.88
CA HIS A 7 -3.95 26.59 -15.44
C HIS A 7 -4.81 26.18 -16.64
N HIS A 8 -5.14 24.88 -16.74
CA HIS A 8 -6.05 24.37 -17.76
C HIS A 8 -7.38 24.07 -17.09
N HIS A 9 -8.45 24.63 -17.65
CA HIS A 9 -9.80 24.49 -17.10
C HIS A 9 -10.33 23.06 -17.24
N HIS A 10 -10.70 22.46 -16.10
CA HIS A 10 -11.32 21.13 -16.07
C HIS A 10 -12.78 21.36 -15.73
N MET A 11 -13.67 20.94 -16.62
CA MET A 11 -15.11 20.96 -16.34
C MET A 11 -15.43 19.71 -15.52
N LEU A 12 -15.43 19.87 -14.20
CA LEU A 12 -15.68 18.80 -13.23
C LEU A 12 -17.16 18.44 -13.26
N LYS A 13 -17.48 17.29 -13.83
CA LYS A 13 -18.87 16.87 -14.01
C LYS A 13 -19.41 16.19 -12.75
N LYS A 14 -20.63 16.54 -12.37
CA LYS A 14 -21.27 15.89 -11.23
C LYS A 14 -21.59 14.41 -11.58
N LYS A 15 -21.73 13.56 -10.57
CA LYS A 15 -22.06 12.16 -10.80
C LYS A 15 -21.19 11.41 -11.81
N GLN A 16 -19.90 11.70 -11.87
CA GLN A 16 -19.02 11.03 -12.81
C GLN A 16 -17.69 10.59 -12.15
N LEU A 17 -17.13 9.48 -12.63
CA LEU A 17 -15.81 8.99 -12.25
C LEU A 17 -14.88 9.06 -13.44
N THR A 18 -13.77 9.79 -13.32
CA THR A 18 -12.78 9.87 -14.37
C THR A 18 -11.50 9.18 -13.91
N VAL A 19 -10.89 8.45 -14.83
CA VAL A 19 -9.61 7.83 -14.59
C VAL A 19 -8.57 8.64 -15.36
N LEU A 20 -7.67 9.27 -14.63
CA LEU A 20 -6.61 10.06 -15.26
C LEU A 20 -5.40 9.15 -15.36
N ASP A 21 -5.12 8.65 -16.57
CA ASP A 21 -4.14 7.57 -16.80
C ASP A 21 -2.94 7.95 -17.64
N LEU A 22 -2.55 9.22 -17.57
CA LEU A 22 -1.32 9.67 -18.18
C LEU A 22 -0.15 8.80 -17.70
N HIS A 23 0.81 8.61 -18.59
CA HIS A 23 1.99 7.77 -18.34
C HIS A 23 2.81 8.23 -17.11
N PRO A 24 3.67 7.36 -16.56
CA PRO A 24 4.42 7.77 -15.39
C PRO A 24 5.28 9.00 -15.71
N GLY A 25 5.37 9.93 -14.75
CA GLY A 25 6.12 11.15 -14.92
C GLY A 25 5.46 12.24 -15.76
N ALA A 26 4.28 11.99 -16.30
CA ALA A 26 3.59 12.98 -17.11
C ALA A 26 3.15 14.23 -16.34
N GLY A 27 3.03 14.14 -15.00
CA GLY A 27 2.63 15.29 -14.19
C GLY A 27 1.27 15.23 -13.54
N LYS A 28 0.75 14.02 -13.29
CA LYS A 28 -0.54 13.90 -12.66
C LYS A 28 -0.50 14.49 -11.25
N THR A 29 0.51 14.10 -10.51
CA THR A 29 0.65 14.41 -9.09
C THR A 29 1.05 15.91 -8.95
N ARG A 30 2.00 16.35 -9.75
CA ARG A 30 2.59 17.69 -9.60
C ARG A 30 1.93 18.80 -10.40
N ARG A 31 1.28 18.48 -11.51
CA ARG A 31 0.63 19.52 -12.36
C ARG A 31 -0.87 19.42 -12.35
N VAL A 32 -1.42 18.23 -12.64
CA VAL A 32 -2.86 18.15 -12.84
C VAL A 32 -3.62 18.25 -11.52
N LEU A 33 -3.09 17.62 -10.48
CA LEU A 33 -3.73 17.68 -9.16
C LEU A 33 -3.97 19.12 -8.63
N PRO A 34 -2.93 19.97 -8.59
CA PRO A 34 -3.18 21.36 -8.24
C PRO A 34 -4.23 22.08 -9.09
N GLU A 35 -4.26 21.77 -10.40
CA GLU A 35 -5.26 22.37 -11.29
C GLU A 35 -6.63 21.96 -10.91
N ILE A 36 -6.82 20.67 -10.64
CA ILE A 36 -8.12 20.23 -10.18
C ILE A 36 -8.48 20.86 -8.84
N VAL A 37 -7.55 20.93 -7.91
CA VAL A 37 -7.87 21.50 -6.61
C VAL A 37 -8.28 23.00 -6.77
N ARG A 38 -7.55 23.75 -7.58
CA ARG A 38 -7.95 25.16 -7.89
C ARG A 38 -9.36 25.27 -8.43
N GLU A 39 -9.71 24.44 -9.41
CA GLU A 39 -11.09 24.40 -9.93
C GLU A 39 -12.08 24.04 -8.85
N ALA A 40 -11.76 23.05 -8.03
CA ALA A 40 -12.66 22.66 -6.93
C ALA A 40 -12.91 23.82 -5.96
N ILE A 41 -11.85 24.55 -5.65
CA ILE A 41 -11.91 25.70 -4.74
C ILE A 41 -12.77 26.80 -5.40
N LYS A 42 -12.40 27.22 -6.62
CA LYS A 42 -13.19 28.21 -7.41
C LYS A 42 -14.65 27.88 -7.36
N THR A 43 -14.99 26.65 -7.66
CA THR A 43 -16.39 26.28 -7.74
C THR A 43 -17.01 25.83 -6.38
N ARG A 44 -16.26 25.96 -5.28
CA ARG A 44 -16.74 25.59 -3.92
C ARG A 44 -17.22 24.14 -3.73
N LEU A 45 -16.48 23.20 -4.32
CA LEU A 45 -16.77 21.77 -4.09
C LEU A 45 -15.98 21.23 -2.91
N ARG A 46 -16.69 20.72 -1.91
CA ARG A 46 -16.05 20.06 -0.77
C ARG A 46 -15.31 18.82 -1.28
N THR A 47 -14.00 18.80 -1.06
CA THR A 47 -13.11 17.89 -1.76
C THR A 47 -12.17 17.22 -0.77
N VAL A 48 -11.93 15.92 -1.00
CA VAL A 48 -10.87 15.18 -0.32
C VAL A 48 -9.83 14.69 -1.34
N ILE A 49 -8.56 14.86 -0.98
CA ILE A 49 -7.44 14.38 -1.74
C ILE A 49 -6.85 13.20 -0.94
N LEU A 50 -6.71 12.05 -1.60
CA LEU A 50 -6.24 10.84 -0.95
C LEU A 50 -4.87 10.45 -1.47
N ALA A 51 -3.89 10.59 -0.58
CA ALA A 51 -2.47 10.24 -0.83
C ALA A 51 -2.21 8.80 -0.42
N PRO A 52 -1.38 8.05 -1.18
CA PRO A 52 -1.12 6.63 -0.77
C PRO A 52 -0.35 6.46 0.55
N THR A 53 0.57 7.39 0.83
CA THR A 53 1.48 7.34 1.99
C THR A 53 1.67 8.72 2.59
N ARG A 54 2.14 8.78 3.85
CA ARG A 54 2.49 10.04 4.51
C ARG A 54 3.60 10.76 3.77
N VAL A 55 4.56 10.01 3.24
CA VAL A 55 5.63 10.63 2.43
C VAL A 55 5.06 11.46 1.28
N VAL A 56 4.17 10.86 0.49
CA VAL A 56 3.52 11.58 -0.60
C VAL A 56 2.63 12.71 -0.11
N ALA A 57 1.90 12.51 0.99
CA ALA A 57 1.10 13.62 1.55
C ALA A 57 1.98 14.86 1.81
N ALA A 58 3.14 14.64 2.41
CA ALA A 58 4.10 15.75 2.63
C ALA A 58 4.55 16.42 1.34
N GLU A 59 4.93 15.64 0.35
CA GLU A 59 5.28 16.17 -0.94
C GLU A 59 4.13 16.91 -1.64
N MET A 60 2.92 16.41 -1.51
CA MET A 60 1.78 17.11 -2.09
C MET A 60 1.66 18.56 -1.52
N GLU A 61 1.95 18.73 -0.22
CA GLU A 61 2.02 20.08 0.39
C GLU A 61 2.88 21.05 -0.41
N GLU A 62 4.05 20.61 -0.86
CA GLU A 62 4.92 21.43 -1.74
C GLU A 62 4.22 21.84 -3.03
N ALA A 63 3.56 20.88 -3.67
CA ALA A 63 2.80 21.14 -4.89
C ALA A 63 1.58 22.04 -4.70
N LEU A 64 1.01 22.03 -3.49
CA LEU A 64 -0.21 22.77 -3.16
C LEU A 64 0.00 24.00 -2.28
N ARG A 65 1.26 24.39 -2.08
CA ARG A 65 1.62 25.54 -1.23
C ARG A 65 0.86 26.76 -1.72
N GLY A 66 0.25 27.49 -0.79
CA GLY A 66 -0.58 28.65 -1.14
C GLY A 66 -2.01 28.37 -1.55
N LEU A 67 -2.42 27.09 -1.58
CA LEU A 67 -3.82 26.74 -1.70
C LEU A 67 -4.37 26.35 -0.34
N PRO A 68 -5.61 26.76 -0.02
CA PRO A 68 -6.22 26.44 1.28
C PRO A 68 -6.64 24.97 1.37
N VAL A 69 -5.74 24.17 1.92
CA VAL A 69 -5.94 22.72 2.08
C VAL A 69 -5.79 22.37 3.56
N ARG A 70 -6.74 21.61 4.08
CA ARG A 70 -6.63 21.03 5.44
C ARG A 70 -5.94 19.66 5.41
N TYR A 71 -4.73 19.61 5.98
CA TYR A 71 -3.91 18.41 6.03
C TYR A 71 -4.23 17.59 7.25
N MET A 72 -4.87 16.45 7.04
CA MET A 72 -5.34 15.62 8.13
C MET A 72 -4.38 14.47 8.30
N THR A 73 -3.16 14.86 8.61
CA THR A 73 -2.05 13.94 8.76
C THR A 73 -1.00 14.73 9.56
N THR A 74 -0.31 14.01 10.45
CA THR A 74 0.76 14.61 11.22
C THR A 74 2.04 14.76 10.39
N ALA A 75 2.06 14.16 9.19
CA ALA A 75 3.17 14.29 8.22
C ALA A 75 3.40 15.71 7.68
N VAL A 76 2.38 16.55 7.75
CA VAL A 76 2.46 17.97 7.40
C VAL A 76 2.13 18.77 8.67
N ASN A 77 2.91 19.82 8.91
CA ASN A 77 2.75 20.69 10.08
C ASN A 77 2.43 22.13 9.66
N VAL A 78 1.29 22.26 8.97
CA VAL A 78 0.79 23.52 8.40
C VAL A 78 -0.30 24.12 9.31
N THR A 79 -0.29 25.46 9.46
CA THR A 79 -1.31 26.19 10.23
C THR A 79 -2.59 26.35 9.41
N HIS A 80 -3.68 25.75 9.90
CA HIS A 80 -4.99 25.76 9.22
C HIS A 80 -5.85 26.93 9.67
N SER A 81 -6.40 27.67 8.71
CA SER A 81 -7.29 28.82 9.00
C SER A 81 -8.67 28.42 9.54
N GLY A 82 -9.04 27.14 9.40
CA GLY A 82 -10.39 26.69 9.73
C GLY A 82 -11.44 26.88 8.63
N THR A 83 -11.06 27.49 7.51
CA THR A 83 -11.98 27.80 6.40
C THR A 83 -11.83 26.90 5.17
N GLU A 84 -10.82 26.03 5.17
CA GLU A 84 -10.45 25.23 3.99
C GLU A 84 -11.60 24.29 3.64
N ILE A 85 -11.91 24.12 2.36
CA ILE A 85 -12.93 23.11 1.97
C ILE A 85 -12.33 21.87 1.26
N VAL A 86 -11.01 21.82 1.21
CA VAL A 86 -10.28 20.71 0.63
C VAL A 86 -9.50 20.07 1.77
N ASP A 87 -9.74 18.77 1.95
CA ASP A 87 -9.01 17.95 2.95
C ASP A 87 -8.02 17.01 2.26
N LEU A 88 -6.88 16.78 2.90
CA LEU A 88 -5.91 15.83 2.42
C LEU A 88 -5.63 14.82 3.52
N MET A 89 -5.74 13.54 3.17
CA MET A 89 -5.41 12.45 4.07
C MET A 89 -4.94 11.23 3.27
N CYS A 90 -4.40 10.24 3.98
CA CYS A 90 -3.91 9.03 3.36
C CYS A 90 -5.09 8.14 3.02
N HIS A 91 -4.92 7.26 2.04
CA HIS A 91 -5.94 6.24 1.71
C HIS A 91 -6.41 5.50 2.96
N ALA A 92 -5.44 5.04 3.74
CA ALA A 92 -5.73 4.22 4.93
C ALA A 92 -6.48 4.95 6.03
N THR A 93 -6.18 6.23 6.23
CA THR A 93 -6.89 7.10 7.19
C THR A 93 -8.35 7.33 6.81
N PHE A 94 -8.58 7.53 5.52
CA PHE A 94 -9.90 7.74 4.98
C PHE A 94 -10.78 6.51 5.28
N THR A 95 -10.29 5.33 4.91
CA THR A 95 -11.02 4.08 5.19
C THR A 95 -11.21 3.81 6.69
N SER A 96 -10.16 4.06 7.50
CA SER A 96 -10.26 3.86 8.93
C SER A 96 -11.34 4.78 9.55
N ARG A 97 -11.36 6.05 9.14
CA ARG A 97 -12.37 6.99 9.63
C ARG A 97 -13.78 6.53 9.27
N LEU A 98 -13.91 5.95 8.08
CA LEU A 98 -15.22 5.45 7.64
C LEU A 98 -15.67 4.28 8.47
N LEU A 99 -14.75 3.46 8.96
CA LEU A 99 -15.12 2.36 9.84
C LEU A 99 -15.47 2.79 11.27
N GLN A 100 -14.95 3.94 11.71
CA GLN A 100 -15.22 4.50 13.04
C GLN A 100 -16.51 5.35 13.12
N PRO A 101 -16.97 5.68 14.35
CA PRO A 101 -18.11 6.61 14.50
C PRO A 101 -17.88 7.99 13.89
N ILE A 102 -16.68 8.53 14.06
CA ILE A 102 -16.27 9.79 13.50
C ILE A 102 -16.95 10.15 12.18
N ARG A 103 -17.68 11.26 12.15
CA ARG A 103 -18.32 11.75 10.93
C ARG A 103 -17.29 12.12 9.83
N VAL A 104 -17.33 11.43 8.70
CA VAL A 104 -16.50 11.80 7.53
C VAL A 104 -17.40 12.65 6.68
N PRO A 105 -16.89 13.78 6.16
CA PRO A 105 -17.85 14.56 5.37
C PRO A 105 -18.34 13.82 4.14
N ASN A 106 -19.54 14.18 3.67
CA ASN A 106 -20.00 13.72 2.37
C ASN A 106 -19.39 14.64 1.32
N TYR A 107 -18.18 14.32 0.89
CA TYR A 107 -17.46 15.12 -0.09
C TYR A 107 -18.21 15.11 -1.45
N ASN A 108 -18.13 16.21 -2.18
CA ASN A 108 -18.69 16.29 -3.54
C ASN A 108 -17.70 15.73 -4.57
N LEU A 109 -16.40 15.76 -4.23
CA LEU A 109 -15.34 15.34 -5.14
C LEU A 109 -14.30 14.53 -4.34
N TYR A 110 -14.01 13.33 -4.81
CA TYR A 110 -12.95 12.50 -4.27
C TYR A 110 -11.84 12.42 -5.29
N ILE A 111 -10.63 12.78 -4.89
CA ILE A 111 -9.49 12.67 -5.79
C ILE A 111 -8.55 11.64 -5.18
N MET A 112 -8.43 10.47 -5.79
CA MET A 112 -7.46 9.50 -5.28
C MET A 112 -6.24 9.49 -6.16
N ASP A 113 -5.11 9.90 -5.58
CA ASP A 113 -3.86 9.71 -6.26
C ASP A 113 -3.23 8.35 -5.93
N GLU A 114 -2.45 7.89 -6.93
CA GLU A 114 -1.85 6.54 -7.00
C GLU A 114 -2.95 5.54 -6.71
N ALA A 115 -4.02 5.68 -7.49
CA ALA A 115 -5.21 4.81 -7.34
C ALA A 115 -5.03 3.38 -7.81
N HIS A 116 -3.82 3.00 -8.16
CA HIS A 116 -3.48 1.61 -8.35
C HIS A 116 -3.14 0.83 -7.05
N PHE A 117 -2.99 1.53 -5.91
CA PHE A 117 -2.52 0.92 -4.69
C PHE A 117 -3.46 -0.23 -4.32
N THR A 118 -2.90 -1.41 -4.16
CA THR A 118 -3.76 -2.60 -3.88
C THR A 118 -3.76 -3.06 -2.40
N ASP A 119 -3.35 -2.20 -1.49
CA ASP A 119 -3.56 -2.54 -0.10
CA ASP A 119 -3.57 -2.36 -0.04
C ASP A 119 -5.08 -2.51 0.19
N PRO A 120 -5.53 -3.39 1.09
CA PRO A 120 -6.96 -3.50 1.28
C PRO A 120 -7.69 -2.19 1.57
N SER A 121 -7.09 -1.27 2.34
CA SER A 121 -7.74 0.00 2.65
CA SER A 121 -7.76 0.00 2.65
C SER A 121 -7.94 0.85 1.39
N SER A 122 -7.01 0.75 0.44
CA SER A 122 -7.15 1.48 -0.84
C SER A 122 -8.22 0.88 -1.75
N ILE A 123 -8.26 -0.46 -1.81
CA ILE A 123 -9.25 -1.19 -2.61
C ILE A 123 -10.63 -0.84 -2.06
N ALA A 124 -10.77 -0.90 -0.74
CA ALA A 124 -12.03 -0.52 -0.07
C ALA A 124 -12.44 0.94 -0.34
N ALA A 125 -11.50 1.88 -0.22
CA ALA A 125 -11.78 3.27 -0.49
C ALA A 125 -12.29 3.46 -1.93
N ARG A 126 -11.72 2.76 -2.90
CA ARG A 126 -12.19 2.82 -4.27
C ARG A 126 -13.62 2.28 -4.42
N GLY A 127 -13.96 1.21 -3.68
CA GLY A 127 -15.34 0.68 -3.72
C GLY A 127 -16.34 1.69 -3.17
N TYR A 128 -16.02 2.29 -2.03
CA TYR A 128 -16.88 3.27 -1.40
C TYR A 128 -17.10 4.44 -2.32
N ILE A 129 -16.00 4.98 -2.86
CA ILE A 129 -16.07 6.17 -3.68
C ILE A 129 -16.86 5.90 -4.95
N SER A 130 -16.55 4.82 -5.64
CA SER A 130 -17.24 4.46 -6.86
C SER A 130 -18.73 4.24 -6.60
N THR A 131 -19.07 3.69 -5.45
CA THR A 131 -20.47 3.48 -5.09
C THR A 131 -21.19 4.82 -4.91
N ARG A 132 -20.55 5.77 -4.22
CA ARG A 132 -21.10 7.10 -4.01
C ARG A 132 -21.38 7.79 -5.38
N VAL A 133 -20.45 7.62 -6.33
CA VAL A 133 -20.58 8.18 -7.69
C VAL A 133 -21.72 7.49 -8.42
N GLU A 134 -21.75 6.17 -8.37
CA GLU A 134 -22.80 5.40 -9.04
C GLU A 134 -24.22 5.75 -8.52
N MET A 135 -24.34 6.03 -7.22
N MET A 135 -24.34 6.01 -7.21
CA MET A 135 -25.56 6.52 -6.60
CA MET A 135 -25.57 6.52 -6.59
C MET A 135 -25.89 7.99 -6.92
C MET A 135 -25.96 7.94 -7.05
N GLY A 136 -25.07 8.66 -7.72
CA GLY A 136 -25.29 10.02 -8.14
C GLY A 136 -25.00 11.08 -7.11
N GLU A 137 -24.25 10.74 -6.05
CA GLU A 137 -24.05 11.66 -4.92
C GLU A 137 -22.73 12.43 -4.93
N ALA A 138 -21.81 12.10 -5.84
CA ALA A 138 -20.51 12.70 -5.85
C ALA A 138 -19.83 12.43 -7.18
N ALA A 139 -18.73 13.14 -7.41
CA ALA A 139 -17.82 12.91 -8.52
C ALA A 139 -16.51 12.35 -7.94
N ALA A 140 -15.72 11.72 -8.79
CA ALA A 140 -14.39 11.27 -8.39
C ALA A 140 -13.40 11.27 -9.54
N ILE A 141 -12.11 11.41 -9.18
CA ILE A 141 -11.04 11.26 -10.09
C ILE A 141 -10.05 10.27 -9.47
N PHE A 142 -9.80 9.16 -10.18
CA PHE A 142 -8.75 8.19 -9.85
C PHE A 142 -7.54 8.47 -10.73
N MET A 143 -6.42 8.86 -10.10
CA MET A 143 -5.21 9.15 -10.83
C MET A 143 -4.23 8.01 -10.71
N THR A 144 -3.90 7.43 -11.86
CA THR A 144 -2.88 6.40 -11.92
C THR A 144 -2.48 6.15 -13.34
N ALA A 145 -1.19 5.94 -13.54
CA ALA A 145 -0.69 5.52 -14.82
C ALA A 145 -1.09 4.10 -15.15
N THR A 146 -1.53 3.32 -14.16
CA THR A 146 -1.77 1.88 -14.35
C THR A 146 -3.12 1.47 -13.75
N PRO A 147 -4.20 1.81 -14.46
CA PRO A 147 -5.52 1.43 -13.96
C PRO A 147 -5.72 -0.10 -13.84
N PRO A 148 -6.67 -0.53 -13.00
CA PRO A 148 -6.86 -1.98 -12.79
C PRO A 148 -6.95 -2.78 -14.07
N GLY A 149 -6.17 -3.85 -14.12
CA GLY A 149 -6.16 -4.72 -15.30
C GLY A 149 -5.32 -4.27 -16.48
N THR A 150 -4.54 -3.18 -16.38
CA THR A 150 -3.63 -2.85 -17.48
C THR A 150 -2.76 -4.05 -17.84
N ARG A 151 -2.53 -4.24 -19.13
CA ARG A 151 -1.63 -5.26 -19.64
C ARG A 151 -0.41 -4.66 -20.27
N ASP A 152 -0.19 -3.36 -20.11
CA ASP A 152 1.05 -2.72 -20.60
C ASP A 152 2.12 -2.51 -19.51
N ALA A 153 3.18 -3.31 -19.53
CA ALA A 153 4.30 -3.18 -18.58
C ALA A 153 5.30 -2.14 -19.03
N PHE A 154 5.18 -1.62 -20.26
CA PHE A 154 6.19 -0.69 -20.80
C PHE A 154 5.57 0.60 -21.38
N PRO A 155 4.92 1.39 -20.52
CA PRO A 155 4.31 2.62 -20.99
C PRO A 155 5.35 3.68 -21.38
N ASP A 156 4.86 4.78 -21.95
CA ASP A 156 5.70 5.93 -22.26
C ASP A 156 6.39 6.48 -21.00
N SER A 157 7.51 7.16 -21.23
CA SER A 157 8.27 7.81 -20.17
C SER A 157 8.79 9.15 -20.67
N ASN A 158 9.26 9.99 -19.75
CA ASN A 158 9.80 11.31 -20.14
C ASN A 158 11.09 11.24 -20.94
N SER A 159 11.92 10.26 -20.64
CA SER A 159 13.11 9.95 -21.42
C SER A 159 13.12 8.49 -21.78
N PRO A 160 13.88 8.11 -22.85
CA PRO A 160 13.98 6.73 -23.25
C PRO A 160 14.61 5.86 -22.15
N ILE A 161 14.08 4.66 -22.03
CA ILE A 161 14.54 3.66 -21.08
C ILE A 161 15.03 2.46 -21.86
N MET A 162 16.16 1.94 -21.42
CA MET A 162 16.74 0.74 -21.95
C MET A 162 16.20 -0.47 -21.15
N ASP A 163 15.33 -1.25 -21.79
CA ASP A 163 14.68 -2.41 -21.21
C ASP A 163 15.45 -3.67 -21.54
N THR A 164 15.93 -4.40 -20.53
CA THR A 164 16.67 -5.66 -20.77
C THR A 164 16.22 -6.75 -19.81
N GLU A 165 15.85 -7.91 -20.36
CA GLU A 165 15.56 -9.10 -19.53
C GLU A 165 16.87 -9.78 -19.16
N VAL A 166 17.06 -10.00 -17.85
CA VAL A 166 18.26 -10.61 -17.32
C VAL A 166 17.87 -11.61 -16.25
N GLU A 167 18.84 -12.39 -15.79
CA GLU A 167 18.65 -13.19 -14.59
C GLU A 167 18.96 -12.30 -13.42
N VAL A 168 17.98 -12.09 -12.54
CA VAL A 168 18.16 -11.23 -11.38
C VAL A 168 18.34 -12.11 -10.15
N PRO A 169 19.42 -11.91 -9.38
CA PRO A 169 19.59 -12.73 -8.18
C PRO A 169 18.53 -12.46 -7.10
N GLU A 170 18.12 -13.51 -6.40
CA GLU A 170 17.27 -13.41 -5.22
C GLU A 170 17.92 -13.95 -3.96
N ARG A 171 19.24 -14.16 -4.03
CA ARG A 171 20.05 -14.63 -2.90
C ARG A 171 21.39 -13.90 -2.99
N ALA A 172 22.23 -14.00 -1.95
CA ALA A 172 23.60 -13.49 -2.05
C ALA A 172 24.33 -14.26 -3.13
N TRP A 173 25.32 -13.64 -3.73
CA TRP A 173 26.13 -14.29 -4.75
C TRP A 173 27.59 -13.95 -4.50
N SER A 174 28.48 -14.83 -4.95
CA SER A 174 29.92 -14.59 -4.94
C SER A 174 30.49 -14.54 -6.36
N SER A 175 29.65 -14.67 -7.39
CA SER A 175 30.08 -14.61 -8.80
C SER A 175 28.86 -14.65 -9.71
N GLY A 176 29.05 -14.30 -10.97
CA GLY A 176 27.99 -14.45 -11.95
C GLY A 176 27.10 -13.23 -12.18
N PHE A 177 27.28 -12.16 -11.39
CA PHE A 177 26.43 -10.97 -11.51
C PHE A 177 27.24 -9.67 -11.45
N ASP A 178 28.35 -9.64 -12.20
CA ASP A 178 29.26 -8.51 -12.17
C ASP A 178 28.57 -7.20 -12.58
N TRP A 179 27.60 -7.29 -13.49
CA TRP A 179 26.85 -6.13 -13.96
C TRP A 179 26.12 -5.37 -12.85
N VAL A 180 25.76 -6.07 -11.77
CA VAL A 180 25.08 -5.45 -10.66
C VAL A 180 26.02 -4.48 -9.93
N THR A 181 27.22 -4.97 -9.59
CA THR A 181 28.19 -4.23 -8.77
C THR A 181 29.18 -3.38 -9.60
N ASP A 182 29.44 -3.76 -10.85
CA ASP A 182 30.26 -2.95 -11.80
C ASP A 182 29.44 -1.83 -12.42
N TYR A 183 28.91 -0.94 -11.61
CA TYR A 183 27.95 0.06 -12.09
C TYR A 183 28.10 1.25 -11.20
N SER A 184 28.28 2.43 -11.77
CA SER A 184 28.60 3.62 -10.97
C SER A 184 27.40 4.54 -10.70
N GLY A 185 26.24 4.19 -11.27
CA GLY A 185 25.00 4.89 -10.98
C GLY A 185 24.29 4.40 -9.72
N LYS A 186 23.04 4.85 -9.57
CA LYS A 186 22.23 4.59 -8.41
C LYS A 186 21.11 3.65 -8.86
N THR A 187 20.81 2.64 -8.04
CA THR A 187 19.93 1.56 -8.45
C THR A 187 18.82 1.44 -7.43
N VAL A 188 17.59 1.30 -7.91
CA VAL A 188 16.45 0.89 -7.06
C VAL A 188 16.15 -0.55 -7.46
N TRP A 189 16.12 -1.46 -6.50
CA TRP A 189 16.05 -2.86 -6.75
C TRP A 189 14.79 -3.32 -6.03
N PHE A 190 13.80 -3.78 -6.80
CA PHE A 190 12.59 -4.39 -6.22
C PHE A 190 12.78 -5.92 -5.99
N VAL A 191 12.65 -6.35 -4.73
CA VAL A 191 12.89 -7.70 -4.29
C VAL A 191 11.57 -8.42 -3.94
N PRO A 192 11.59 -9.76 -3.88
CA PRO A 192 10.38 -10.51 -3.64
C PRO A 192 9.88 -10.52 -2.18
N SER A 193 10.72 -10.13 -1.22
CA SER A 193 10.33 -10.18 0.20
C SER A 193 11.31 -9.41 1.03
N VAL A 194 10.89 -9.05 2.24
CA VAL A 194 11.79 -8.35 3.17
C VAL A 194 13.05 -9.18 3.46
N ARG A 195 12.87 -10.48 3.71
CA ARG A 195 14.02 -11.38 4.03
C ARG A 195 14.98 -11.47 2.84
N ASN A 196 14.46 -11.64 1.62
CA ASN A 196 15.36 -11.67 0.45
C ASN A 196 16.10 -10.32 0.31
N GLY A 197 15.39 -9.21 0.54
CA GLY A 197 16.04 -7.89 0.50
C GLY A 197 17.16 -7.78 1.53
N ASN A 198 16.96 -8.35 2.71
CA ASN A 198 18.01 -8.31 3.76
C ASN A 198 19.28 -9.02 3.29
N GLU A 199 19.09 -10.15 2.64
CA GLU A 199 20.19 -10.98 2.19
C GLU A 199 20.96 -10.29 1.05
N ILE A 200 20.21 -9.74 0.11
CA ILE A 200 20.79 -8.98 -1.01
C ILE A 200 21.52 -7.73 -0.51
N ALA A 201 20.86 -6.98 0.37
CA ALA A 201 21.48 -5.79 0.96
C ALA A 201 22.80 -6.13 1.66
N ALA A 202 22.84 -7.23 2.41
CA ALA A 202 24.08 -7.65 3.10
C ALA A 202 25.19 -7.94 2.10
N CYS A 203 24.83 -8.57 0.98
CA CYS A 203 25.75 -8.93 -0.08
C CYS A 203 26.32 -7.66 -0.69
N LEU A 204 25.44 -6.71 -0.97
CA LEU A 204 25.85 -5.43 -1.56
C LEU A 204 26.74 -4.62 -0.63
N THR A 205 26.44 -4.67 0.66
CA THR A 205 27.19 -3.95 1.69
C THR A 205 28.59 -4.55 1.81
N LYS A 206 28.67 -5.89 1.78
CA LYS A 206 29.96 -6.60 1.82
C LYS A 206 30.80 -6.26 0.59
N ALA A 207 30.14 -5.99 -0.54
CA ALA A 207 30.82 -5.53 -1.76
C ALA A 207 31.10 -4.03 -1.78
N GLY A 208 30.87 -3.34 -0.67
CA GLY A 208 31.28 -1.95 -0.52
C GLY A 208 30.25 -0.92 -0.87
N LYS A 209 29.00 -1.36 -1.10
CA LYS A 209 27.92 -0.47 -1.53
C LYS A 209 27.16 0.08 -0.34
N ARG A 210 26.63 1.30 -0.51
CA ARG A 210 25.76 1.94 0.47
C ARG A 210 24.30 1.64 0.14
N VAL A 211 23.60 0.94 1.03
CA VAL A 211 22.26 0.42 0.78
C VAL A 211 21.24 0.94 1.77
N ILE A 212 20.08 1.39 1.29
CA ILE A 212 18.94 1.71 2.13
C ILE A 212 17.86 0.66 1.79
N GLN A 213 17.22 0.09 2.81
CA GLN A 213 16.12 -0.86 2.64
C GLN A 213 14.79 -0.23 2.98
N LEU A 214 13.78 -0.50 2.13
CA LEU A 214 12.42 0.02 2.33
C LEU A 214 11.39 -1.10 2.31
N SER A 215 10.48 -1.06 3.30
CA SER A 215 9.33 -1.97 3.33
C SER A 215 8.17 -1.17 3.89
N ARG A 216 6.96 -1.72 3.87
CA ARG A 216 5.79 -1.00 4.46
C ARG A 216 6.03 -0.58 5.90
N LYS A 217 6.60 -1.47 6.72
CA LYS A 217 6.79 -1.15 8.15
C LYS A 217 7.76 0.02 8.33
N THR A 218 8.75 0.14 7.44
CA THR A 218 9.82 1.15 7.60
C THR A 218 9.76 2.33 6.65
N PHE A 219 8.83 2.31 5.70
CA PHE A 219 8.87 3.22 4.55
C PHE A 219 8.87 4.67 4.97
N GLU A 220 7.89 4.99 5.82
CA GLU A 220 7.58 6.34 6.25
C GLU A 220 8.73 7.00 7.03
N THR A 221 9.71 6.21 7.52
CA THR A 221 10.95 6.69 8.17
C THR A 221 12.24 6.52 7.34
N GLU A 222 12.41 5.38 6.65
CA GLU A 222 13.63 5.14 5.86
C GLU A 222 13.65 5.86 4.51
N PHE A 223 12.47 6.18 3.96
CA PHE A 223 12.42 6.86 2.68
C PHE A 223 13.10 8.23 2.76
N GLN A 224 12.88 8.98 3.85
CA GLN A 224 13.56 10.29 4.07
C GLN A 224 15.09 10.18 3.87
N LYS A 225 15.67 9.08 4.32
CA LYS A 225 17.12 8.85 4.14
C LYS A 225 17.56 8.81 2.68
N THR A 226 16.66 8.38 1.78
CA THR A 226 16.97 8.39 0.36
C THR A 226 17.10 9.82 -0.20
N LYS A 227 16.38 10.76 0.39
CA LYS A 227 16.51 12.17 0.03
C LYS A 227 17.72 12.78 0.70
N HIS A 228 18.00 12.39 1.95
CA HIS A 228 18.88 13.14 2.85
C HIS A 228 20.27 12.55 3.10
N GLN A 229 20.59 11.37 2.57
CA GLN A 229 21.95 10.81 2.67
C GLN A 229 22.36 10.11 1.36
N GLU A 230 23.65 9.86 1.20
CA GLU A 230 24.19 9.26 -0.03
C GLU A 230 23.96 7.74 -0.09
N TRP A 231 23.56 7.25 -1.25
CA TRP A 231 23.29 5.82 -1.41
C TRP A 231 23.61 5.32 -2.83
N ASP A 232 23.94 4.02 -2.91
CA ASP A 232 24.22 3.33 -4.15
C ASP A 232 23.05 2.45 -4.59
N PHE A 233 22.40 1.78 -3.63
CA PHE A 233 21.21 0.97 -3.91
C PHE A 233 20.11 1.26 -2.90
N VAL A 234 18.88 1.35 -3.39
CA VAL A 234 17.68 1.21 -2.58
C VAL A 234 17.17 -0.20 -2.87
N VAL A 235 17.01 -1.00 -1.83
CA VAL A 235 16.43 -2.34 -1.93
C VAL A 235 15.04 -2.26 -1.32
N THR A 236 13.99 -2.50 -2.12
CA THR A 236 12.62 -2.17 -1.73
C THR A 236 11.63 -3.28 -2.10
N THR A 237 10.62 -3.47 -1.25
CA THR A 237 9.45 -4.20 -1.66
C THR A 237 8.52 -3.34 -2.52
N ASP A 238 7.38 -3.91 -2.91
CA ASP A 238 6.39 -3.22 -3.76
C ASP A 238 5.84 -1.87 -3.26
N ILE A 239 6.04 -1.50 -1.99
CA ILE A 239 5.54 -0.22 -1.45
C ILE A 239 6.05 1.00 -2.23
N SER A 240 7.20 0.86 -2.85
CA SER A 240 7.78 1.93 -3.65
C SER A 240 7.13 2.14 -5.02
N GLU A 241 6.10 1.35 -5.36
CA GLU A 241 5.28 1.58 -6.58
C GLU A 241 4.27 2.74 -6.49
N MET A 242 4.10 3.31 -5.30
CA MET A 242 3.03 4.27 -5.06
C MET A 242 3.57 5.72 -5.04
N GLY A 243 3.99 6.22 -6.19
CA GLY A 243 4.42 7.63 -6.33
C GLY A 243 5.75 7.95 -5.67
N ALA A 244 6.62 6.94 -5.53
CA ALA A 244 7.91 7.14 -4.86
C ALA A 244 8.92 7.74 -5.83
N ASN A 245 9.54 8.85 -5.40
CA ASN A 245 10.46 9.64 -6.23
C ASN A 245 11.90 9.36 -5.79
N PHE A 246 12.71 8.83 -6.70
CA PHE A 246 14.13 8.57 -6.42
C PHE A 246 14.92 9.32 -7.48
N LYS A 247 16.12 9.76 -7.15
CA LYS A 247 17.02 10.27 -8.20
C LYS A 247 17.88 9.11 -8.59
N ALA A 248 17.34 8.23 -9.42
CA ALA A 248 18.00 6.97 -9.72
C ALA A 248 18.26 6.86 -11.22
N ASP A 249 19.19 6.00 -11.58
CA ASP A 249 19.61 5.79 -12.99
C ASP A 249 19.18 4.40 -13.48
N ARG A 250 18.86 3.47 -12.55
CA ARG A 250 18.64 2.10 -12.94
C ARG A 250 17.63 1.49 -11.98
N VAL A 251 16.76 0.69 -12.54
CA VAL A 251 15.92 -0.24 -11.74
C VAL A 251 16.26 -1.67 -12.08
N ILE A 252 16.36 -2.50 -11.04
CA ILE A 252 16.46 -3.93 -11.14
C ILE A 252 15.15 -4.46 -10.56
N ASP A 253 14.48 -5.31 -11.31
CA ASP A 253 13.16 -5.81 -10.92
C ASP A 253 13.14 -7.34 -11.03
N SER A 254 13.07 -8.03 -9.89
CA SER A 254 12.86 -9.46 -9.88
C SER A 254 11.57 -9.91 -10.59
N ARG A 255 10.59 -9.02 -10.69
CA ARG A 255 9.27 -9.25 -11.35
C ARG A 255 8.42 -10.30 -10.61
N ARG A 256 8.74 -10.57 -9.35
CA ARG A 256 7.93 -11.50 -8.61
C ARG A 256 8.04 -11.21 -7.15
N CYS A 257 7.00 -11.58 -6.41
CA CYS A 257 7.02 -11.39 -4.98
C CYS A 257 6.16 -12.40 -4.26
N LEU A 258 6.43 -12.54 -2.98
CA LEU A 258 5.56 -13.36 -2.08
C LEU A 258 4.19 -12.72 -2.00
N LYS A 259 3.16 -13.55 -1.95
CA LYS A 259 1.77 -13.12 -1.95
C LYS A 259 1.08 -13.78 -0.71
N PRO A 260 0.32 -13.01 0.10
CA PRO A 260 -0.54 -13.63 1.12
C PRO A 260 -1.77 -14.32 0.51
N VAL A 261 -2.00 -15.57 0.89
CA VAL A 261 -3.08 -16.37 0.32
C VAL A 261 -3.82 -17.01 1.48
N ILE A 262 -5.15 -16.89 1.49
CA ILE A 262 -5.97 -17.55 2.52
C ILE A 262 -6.17 -19.00 2.08
N LEU A 263 -5.75 -19.94 2.94
CA LEU A 263 -5.75 -21.37 2.64
C LEU A 263 -6.90 -22.01 3.40
N ASP A 264 -7.87 -22.55 2.66
CA ASP A 264 -9.05 -23.24 3.21
C ASP A 264 -9.90 -22.38 4.12
N GLY A 265 -9.97 -21.08 3.90
CA GLY A 265 -10.62 -20.20 4.85
C GLY A 265 -10.06 -20.15 6.28
N GLU A 266 -8.94 -20.80 6.57
CA GLU A 266 -8.53 -20.92 7.95
C GLU A 266 -7.14 -20.42 8.32
N ARG A 267 -6.33 -20.08 7.34
CA ARG A 267 -4.99 -19.55 7.65
C ARG A 267 -4.45 -18.74 6.47
N VAL A 268 -3.54 -17.83 6.76
CA VAL A 268 -2.88 -17.11 5.68
C VAL A 268 -1.44 -17.53 5.61
N ILE A 269 -1.02 -17.90 4.39
CA ILE A 269 0.36 -18.26 4.11
C ILE A 269 0.95 -17.21 3.20
N LEU A 270 2.28 -17.17 3.11
CA LEU A 270 2.95 -16.39 2.07
C LEU A 270 3.42 -17.33 1.00
N ALA A 271 2.82 -17.22 -0.18
CA ALA A 271 3.04 -18.13 -1.28
C ALA A 271 3.97 -17.51 -2.30
N GLY A 272 4.74 -18.35 -2.98
CA GLY A 272 5.50 -17.95 -4.18
C GLY A 272 7.01 -18.00 -3.97
N PRO A 273 7.79 -17.05 -4.51
CA PRO A 273 7.30 -15.81 -5.14
C PRO A 273 6.57 -16.08 -6.44
N MET A 274 5.59 -15.22 -6.73
CA MET A 274 4.76 -15.35 -7.93
C MET A 274 4.93 -14.08 -8.76
N PRO A 275 4.61 -14.15 -10.07
CA PRO A 275 4.85 -12.97 -10.88
C PRO A 275 4.03 -11.79 -10.44
N VAL A 276 4.55 -10.60 -10.70
CA VAL A 276 3.81 -9.38 -10.44
C VAL A 276 2.89 -9.11 -11.61
N THR A 277 1.92 -8.23 -11.38
CA THR A 277 1.04 -7.76 -12.42
C THR A 277 1.77 -6.84 -13.39
N HIS A 278 1.18 -6.66 -14.57
CA HIS A 278 1.73 -5.63 -15.50
C HIS A 278 1.74 -4.25 -14.87
N ALA A 279 0.68 -3.90 -14.14
CA ALA A 279 0.63 -2.60 -13.44
C ALA A 279 1.83 -2.40 -12.51
N SER A 280 2.13 -3.41 -11.68
CA SER A 280 3.29 -3.38 -10.80
C SER A 280 4.59 -3.23 -11.58
N ALA A 281 4.75 -4.06 -12.61
CA ALA A 281 5.96 -3.96 -13.45
C ALA A 281 6.15 -2.54 -14.06
N ALA A 282 5.07 -1.95 -14.56
CA ALA A 282 5.13 -0.60 -15.21
C ALA A 282 5.41 0.48 -14.16
N GLN A 283 4.89 0.30 -12.95
CA GLN A 283 5.22 1.26 -11.87
C GLN A 283 6.67 1.18 -11.41
N ARG A 284 7.21 -0.02 -11.38
CA ARG A 284 8.59 -0.29 -10.95
C ARG A 284 9.53 0.33 -11.97
N ARG A 285 9.29 0.00 -13.23
CA ARG A 285 10.10 0.59 -14.34
C ARG A 285 9.90 2.11 -14.35
N GLY A 286 8.69 2.56 -14.07
CA GLY A 286 8.31 3.95 -14.04
C GLY A 286 9.04 4.84 -13.04
N ARG A 287 9.84 4.23 -12.14
CA ARG A 287 10.61 5.00 -11.20
C ARG A 287 11.79 5.68 -11.93
N ILE A 288 12.20 5.13 -13.07
CA ILE A 288 13.30 5.77 -13.86
C ILE A 288 12.80 6.22 -15.23
N GLY A 289 13.65 6.90 -15.99
CA GLY A 289 13.23 7.53 -17.22
C GLY A 289 12.40 8.76 -17.01
N ARG A 290 12.45 9.36 -15.83
CA ARG A 290 11.51 10.40 -15.43
C ARG A 290 12.01 11.81 -15.70
N ASN A 291 13.32 11.95 -15.89
CA ASN A 291 13.96 13.25 -16.13
C ASN A 291 14.19 13.41 -17.65
N PRO A 292 13.54 14.42 -18.27
CA PRO A 292 13.63 14.55 -19.73
C PRO A 292 15.03 14.87 -20.25
N ASN A 293 15.89 15.38 -19.38
CA ASN A 293 17.30 15.73 -19.69
C ASN A 293 18.30 14.58 -19.55
N LYS A 294 17.84 13.42 -19.02
CA LYS A 294 18.70 12.31 -18.67
C LYS A 294 18.27 11.06 -19.46
N PRO A 295 18.92 10.79 -20.60
CA PRO A 295 18.49 9.72 -21.50
C PRO A 295 19.07 8.34 -21.22
N GLY A 296 20.00 8.19 -20.28
CA GLY A 296 20.61 6.87 -20.04
C GLY A 296 19.96 5.76 -19.17
N ASP A 297 18.72 5.94 -18.68
CA ASP A 297 18.21 5.04 -17.59
C ASP A 297 17.84 3.62 -18.05
N GLU A 298 18.09 2.64 -17.18
CA GLU A 298 17.96 1.24 -17.52
C GLU A 298 16.94 0.56 -16.62
N TYR A 299 16.16 -0.33 -17.21
CA TYR A 299 15.31 -1.26 -16.46
C TYR A 299 15.70 -2.68 -16.78
N LEU A 300 16.19 -3.40 -15.77
CA LEU A 300 16.62 -4.79 -15.88
C LEU A 300 15.65 -5.66 -15.12
N TYR A 301 15.01 -6.56 -15.83
CA TYR A 301 13.91 -7.30 -15.28
C TYR A 301 14.08 -8.80 -15.40
N GLY A 302 13.52 -9.54 -14.44
CA GLY A 302 13.93 -10.91 -14.21
C GLY A 302 12.97 -12.00 -14.60
N GLY A 303 11.84 -11.64 -15.21
CA GLY A 303 10.85 -12.64 -15.63
C GLY A 303 9.62 -11.94 -16.12
N GLY A 304 8.57 -12.71 -16.32
CA GLY A 304 7.28 -12.21 -16.80
C GLY A 304 6.30 -11.68 -15.76
N CYS A 305 5.18 -11.19 -16.29
CA CYS A 305 4.07 -10.65 -15.52
C CYS A 305 2.90 -11.62 -15.62
N ALA A 306 2.00 -11.52 -14.69
CA ALA A 306 0.73 -12.26 -14.77
C ALA A 306 -0.40 -11.48 -14.09
N GLU A 307 -1.63 -11.70 -14.55
CA GLU A 307 -2.81 -11.04 -13.96
C GLU A 307 -3.67 -11.99 -13.10
N THR A 308 -3.13 -13.15 -12.81
CA THR A 308 -3.86 -14.20 -12.13
C THR A 308 -3.67 -14.09 -10.62
N ASP A 309 -4.13 -12.97 -10.06
CA ASP A 309 -3.84 -12.58 -8.69
C ASP A 309 -5.10 -12.65 -7.79
N GLU A 310 -6.10 -13.42 -8.19
CA GLU A 310 -7.31 -13.59 -7.41
C GLU A 310 -7.02 -14.39 -6.12
N ASP A 311 -5.92 -15.12 -6.09
CA ASP A 311 -5.50 -15.80 -4.86
C ASP A 311 -5.01 -14.84 -3.76
N HIS A 312 -4.71 -13.60 -4.13
CA HIS A 312 -4.25 -12.59 -3.17
C HIS A 312 -5.30 -12.26 -2.10
N ALA A 313 -4.88 -12.37 -0.85
CA ALA A 313 -5.75 -12.06 0.28
C ALA A 313 -6.34 -10.65 0.27
N HIS A 314 -5.66 -9.65 -0.33
CA HIS A 314 -6.14 -8.28 -0.22
CA HIS A 314 -6.15 -8.27 -0.19
C HIS A 314 -7.57 -8.05 -0.75
N TRP A 315 -8.01 -8.86 -1.72
CA TRP A 315 -9.31 -8.65 -2.32
C TRP A 315 -10.41 -8.97 -1.29
N LEU A 316 -10.28 -10.12 -0.65
CA LEU A 316 -11.24 -10.52 0.37
C LEU A 316 -11.14 -9.59 1.58
N GLU A 317 -9.93 -9.21 1.97
CA GLU A 317 -9.75 -8.27 3.04
C GLU A 317 -10.44 -6.93 2.76
N ALA A 318 -10.40 -6.48 1.50
CA ALA A 318 -11.13 -5.25 1.10
C ALA A 318 -12.64 -5.39 1.35
N ARG A 319 -13.18 -6.56 1.06
CA ARG A 319 -14.60 -6.87 1.37
C ARG A 319 -14.88 -6.86 2.87
N MET A 320 -13.95 -7.37 3.70
CA MET A 320 -14.14 -7.31 5.15
C MET A 320 -14.27 -5.87 5.65
N LEU A 321 -13.46 -4.98 5.07
CA LEU A 321 -13.56 -3.59 5.43
C LEU A 321 -14.86 -2.96 4.94
N LEU A 322 -15.16 -3.16 3.65
CA LEU A 322 -16.34 -2.50 3.00
C LEU A 322 -17.66 -2.91 3.63
N ASP A 323 -17.72 -4.18 4.02
CA ASP A 323 -18.88 -4.73 4.75
C ASP A 323 -19.15 -4.04 6.06
N ASN A 324 -18.16 -3.35 6.61
CA ASN A 324 -18.26 -2.64 7.88
C ASN A 324 -18.31 -1.12 7.76
N ILE A 325 -18.52 -0.63 6.54
CA ILE A 325 -18.68 0.77 6.29
C ILE A 325 -20.15 1.05 5.93
N TYR A 326 -20.75 1.96 6.67
CA TYR A 326 -22.14 2.41 6.41
C TYR A 326 -22.24 3.38 5.25
N LEU A 327 -23.17 3.14 4.31
CA LEU A 327 -23.54 4.13 3.31
C LEU A 327 -24.96 4.62 3.50
N GLN A 328 -25.89 3.68 3.46
CA GLN A 328 -27.32 3.97 3.55
C GLN A 328 -27.92 2.64 4.03
N ASP A 329 -29.14 2.61 4.54
CA ASP A 329 -29.65 1.36 5.14
C ASP A 329 -29.77 0.25 4.09
N GLY A 330 -29.23 -0.93 4.40
CA GLY A 330 -29.20 -2.07 3.48
C GLY A 330 -28.25 -2.02 2.29
N LEU A 331 -27.45 -0.96 2.16
CA LEU A 331 -26.61 -0.76 1.00
C LEU A 331 -25.19 -1.04 1.43
N ILE A 332 -24.58 -2.05 0.82
CA ILE A 332 -23.14 -2.32 1.01
C ILE A 332 -22.46 -1.99 -0.29
N ALA A 333 -21.39 -1.21 -0.24
CA ALA A 333 -20.68 -0.84 -1.46
C ALA A 333 -20.00 -2.06 -2.10
N SER A 334 -20.10 -2.16 -3.42
CA SER A 334 -19.32 -3.13 -4.16
C SER A 334 -17.92 -2.53 -4.35
N LEU A 335 -16.94 -3.40 -4.55
CA LEU A 335 -15.66 -2.95 -5.07
C LEU A 335 -15.87 -2.21 -6.41
N TYR A 336 -14.95 -1.28 -6.67
CA TYR A 336 -14.88 -0.61 -7.97
C TYR A 336 -14.93 -1.68 -9.06
N ARG A 337 -15.75 -1.44 -10.09
CA ARG A 337 -16.09 -2.47 -11.09
C ARG A 337 -14.95 -3.31 -11.71
N PRO A 338 -13.88 -2.68 -12.22
CA PRO A 338 -12.76 -3.47 -12.71
C PRO A 338 -12.11 -4.44 -11.71
N GLU A 339 -12.26 -4.18 -10.41
CA GLU A 339 -11.71 -5.03 -9.36
C GLU A 339 -12.72 -5.99 -8.77
N ALA A 340 -13.99 -5.82 -9.09
CA ALA A 340 -15.03 -6.59 -8.40
C ALA A 340 -15.04 -8.07 -8.83
N ASP A 341 -14.51 -8.35 -10.02
CA ASP A 341 -14.31 -9.72 -10.51
CA ASP A 341 -14.31 -9.72 -10.50
C ASP A 341 -13.12 -10.45 -9.84
N LYS A 342 -12.33 -9.75 -9.02
CA LYS A 342 -11.21 -10.39 -8.33
C LYS A 342 -11.56 -11.24 -7.11
N VAL A 343 -12.81 -11.16 -6.66
CA VAL A 343 -13.22 -11.81 -5.43
C VAL A 343 -14.67 -12.23 -5.55
N ALA A 344 -14.94 -13.40 -5.01
CA ALA A 344 -16.27 -14.02 -5.00
C ALA A 344 -16.65 -14.13 -3.54
N ALA A 345 -17.37 -13.13 -3.06
CA ALA A 345 -17.84 -13.13 -1.68
C ALA A 345 -19.27 -12.63 -1.74
N ILE A 346 -20.01 -12.88 -0.68
CA ILE A 346 -21.38 -12.39 -0.55
C ILE A 346 -21.27 -11.04 0.11
N GLU A 347 -21.81 -10.00 -0.52
CA GLU A 347 -21.81 -8.67 0.09
C GLU A 347 -22.46 -8.70 1.45
N GLY A 348 -21.81 -8.10 2.45
CA GLY A 348 -22.25 -8.18 3.82
C GLY A 348 -21.94 -9.41 4.65
N GLU A 349 -21.30 -10.44 4.10
CA GLU A 349 -20.99 -11.59 4.93
C GLU A 349 -20.07 -11.26 6.13
N PHE A 350 -19.23 -10.24 5.98
CA PHE A 350 -18.32 -9.89 7.04
C PHE A 350 -18.78 -8.73 7.88
N LYS A 351 -20.06 -8.33 7.77
CA LYS A 351 -20.57 -7.26 8.61
C LYS A 351 -20.60 -7.64 10.10
N LEU A 352 -19.98 -6.83 10.93
CA LEU A 352 -19.93 -7.04 12.37
C LEU A 352 -20.90 -6.12 13.10
N ARG A 353 -21.37 -6.55 14.26
CA ARG A 353 -22.16 -5.69 15.16
C ARG A 353 -21.25 -4.66 15.82
N THR A 354 -21.83 -3.65 16.43
CA THR A 354 -21.10 -2.44 16.80
C THR A 354 -19.83 -2.69 17.64
N GLU A 355 -19.94 -3.48 18.72
CA GLU A 355 -18.82 -3.67 19.63
C GLU A 355 -17.72 -4.48 18.96
N GLN A 356 -18.10 -5.52 18.22
CA GLN A 356 -17.11 -6.30 17.47
C GLN A 356 -16.46 -5.48 16.34
N ARG A 357 -17.21 -4.62 15.67
CA ARG A 357 -16.61 -3.71 14.69
C ARG A 357 -15.55 -2.81 15.34
N LYS A 358 -15.86 -2.31 16.55
CA LYS A 358 -14.89 -1.49 17.30
C LYS A 358 -13.60 -2.23 17.58
N THR A 359 -13.73 -3.51 17.93
CA THR A 359 -12.58 -4.34 18.21
C THR A 359 -11.78 -4.55 16.94
N PHE A 360 -12.49 -4.84 15.84
CA PHE A 360 -11.88 -5.07 14.53
C PHE A 360 -11.04 -3.86 14.15
N VAL A 361 -11.63 -2.67 14.29
CA VAL A 361 -10.90 -1.43 14.01
C VAL A 361 -9.66 -1.24 14.90
N GLU A 362 -9.82 -1.45 16.20
CA GLU A 362 -8.70 -1.23 17.14
C GLU A 362 -7.58 -2.26 16.88
N LEU A 363 -7.93 -3.51 16.53
CA LEU A 363 -6.90 -4.53 16.25
C LEU A 363 -6.02 -4.15 15.06
N MET A 364 -6.64 -3.58 14.06
CA MET A 364 -5.91 -3.06 12.88
C MET A 364 -5.15 -1.78 13.18
N LYS A 365 -5.82 -0.78 13.72
CA LYS A 365 -5.21 0.55 13.92
C LYS A 365 -4.11 0.54 15.01
N ARG A 366 -4.45 0.04 16.18
CA ARG A 366 -3.51 0.02 17.31
C ARG A 366 -2.77 -1.27 17.43
N GLY A 367 -3.37 -2.41 17.06
CA GLY A 367 -2.64 -3.66 17.12
C GLY A 367 -1.75 -3.93 15.94
N ASP A 368 -1.95 -3.16 14.87
CA ASP A 368 -1.29 -3.35 13.57
C ASP A 368 -1.44 -4.77 13.01
N LEU A 369 -2.56 -5.41 13.28
CA LEU A 369 -2.79 -6.77 12.74
C LEU A 369 -3.31 -6.69 11.28
N PRO A 370 -2.96 -7.68 10.44
CA PRO A 370 -3.54 -7.74 9.10
C PRO A 370 -5.05 -7.83 9.20
N VAL A 371 -5.73 -7.32 8.19
CA VAL A 371 -7.21 -7.25 8.20
C VAL A 371 -7.82 -8.66 8.50
N TRP A 372 -7.34 -9.66 7.77
CA TRP A 372 -7.89 -11.06 7.90
C TRP A 372 -7.79 -11.52 9.34
N LEU A 373 -6.64 -11.31 9.97
CA LEU A 373 -6.41 -11.78 11.35
C LEU A 373 -7.26 -11.02 12.37
N ALA A 374 -7.28 -9.69 12.21
CA ALA A 374 -8.15 -8.81 13.01
C ALA A 374 -9.62 -9.22 12.94
N TYR A 375 -10.04 -9.64 11.76
CA TYR A 375 -11.43 -10.07 11.57
C TYR A 375 -11.71 -11.38 12.33
N GLN A 376 -10.77 -12.33 12.26
CA GLN A 376 -10.98 -13.61 12.97
C GLN A 376 -11.14 -13.40 14.46
N VAL A 377 -10.33 -12.52 15.01
CA VAL A 377 -10.33 -12.25 16.43
C VAL A 377 -11.61 -11.50 16.83
N ALA A 378 -11.94 -10.45 16.08
CA ALA A 378 -13.11 -9.62 16.39
C ALA A 378 -14.40 -10.43 16.26
N SER A 379 -14.50 -11.21 15.20
CA SER A 379 -15.74 -11.98 14.95
C SER A 379 -15.93 -13.14 15.93
N ALA A 380 -14.85 -13.59 16.57
CA ALA A 380 -14.94 -14.55 17.68
C ALA A 380 -15.41 -13.95 19.01
N GLY A 381 -15.62 -12.63 19.07
CA GLY A 381 -16.10 -11.96 20.29
C GLY A 381 -15.03 -11.63 21.30
N ILE A 382 -13.78 -11.69 20.90
CA ILE A 382 -12.65 -11.42 21.76
C ILE A 382 -12.48 -9.90 21.82
N THR A 383 -12.20 -9.37 23.00
CA THR A 383 -11.91 -7.94 23.18
C THR A 383 -10.44 -7.64 22.87
N TYR A 384 -10.16 -6.38 22.59
CA TYR A 384 -8.86 -5.97 22.09
C TYR A 384 -7.68 -6.35 23.02
N THR A 385 -7.87 -6.19 24.34
CA THR A 385 -6.76 -6.43 25.28
C THR A 385 -6.60 -7.91 25.72
N ASP A 386 -7.48 -8.79 25.27
CA ASP A 386 -7.46 -10.20 25.65
C ASP A 386 -6.59 -11.00 24.66
N ARG A 387 -5.36 -11.30 25.09
CA ARG A 387 -4.35 -11.91 24.24
C ARG A 387 -4.21 -13.44 24.39
N ARG A 388 -5.16 -14.06 25.10
CA ARG A 388 -5.14 -15.50 25.32
C ARG A 388 -5.05 -16.29 24.02
N TRP A 389 -5.74 -15.79 22.99
CA TRP A 389 -5.72 -16.40 21.64
C TRP A 389 -4.36 -16.51 21.02
N CYS A 390 -3.41 -15.68 21.42
CA CYS A 390 -2.06 -15.80 20.90
C CYS A 390 -1.32 -17.05 21.38
N PHE A 391 -1.86 -17.74 22.39
CA PHE A 391 -1.17 -18.88 23.00
C PHE A 391 -1.92 -20.20 22.94
N ASP A 392 -3.18 -20.19 22.50
CA ASP A 392 -4.05 -21.36 22.68
C ASP A 392 -4.40 -22.09 21.37
N GLY A 393 -3.60 -21.89 20.32
CA GLY A 393 -3.85 -22.53 19.05
C GLY A 393 -3.32 -23.96 19.06
N THR A 394 -3.45 -24.61 17.92
CA THR A 394 -2.91 -25.97 17.72
C THR A 394 -1.39 -25.92 17.56
N THR A 395 -0.75 -27.08 17.75
CA THR A 395 0.72 -27.14 17.86
C THR A 395 1.44 -26.76 16.58
N ASN A 396 0.82 -27.06 15.44
CA ASN A 396 1.32 -26.62 14.13
C ASN A 396 1.26 -25.10 13.85
N ASN A 397 0.52 -24.35 14.68
CA ASN A 397 0.54 -22.87 14.62
C ASN A 397 1.65 -22.26 15.47
N THR A 398 2.54 -23.09 16.04
CA THR A 398 3.72 -22.60 16.79
C THR A 398 4.57 -21.76 15.88
N ILE A 399 4.96 -20.58 16.38
CA ILE A 399 5.78 -19.66 15.62
C ILE A 399 7.24 -19.87 15.97
N MET A 400 8.07 -19.98 14.93
CA MET A 400 9.49 -20.24 15.07
C MET A 400 10.26 -19.01 14.60
N GLU A 401 11.34 -18.67 15.31
CA GLU A 401 12.42 -17.84 14.74
C GLU A 401 13.77 -18.50 15.03
N ASP A 402 14.67 -18.43 14.04
CA ASP A 402 16.00 -19.04 14.15
C ASP A 402 15.89 -20.54 14.51
N SER A 403 14.90 -21.22 13.94
CA SER A 403 14.60 -22.64 14.20
C SER A 403 14.26 -23.03 15.66
N VAL A 404 13.89 -22.06 16.50
CA VAL A 404 13.36 -22.34 17.84
C VAL A 404 12.03 -21.57 18.09
N PRO A 405 11.11 -22.19 18.86
CA PRO A 405 9.84 -21.56 19.26
C PRO A 405 9.99 -20.16 19.83
N ALA A 406 9.25 -19.21 19.26
CA ALA A 406 9.17 -17.87 19.80
C ALA A 406 8.47 -18.00 21.12
N GLU A 407 9.01 -17.31 22.12
CA GLU A 407 8.52 -17.39 23.49
C GLU A 407 8.35 -15.98 24.03
N VAL A 408 7.37 -15.81 24.90
CA VAL A 408 7.01 -14.51 25.40
C VAL A 408 6.72 -14.62 26.90
N TRP A 409 7.10 -13.62 27.66
CA TRP A 409 6.62 -13.48 29.04
C TRP A 409 5.28 -12.73 28.97
N THR A 410 4.22 -13.40 29.39
CA THR A 410 2.85 -12.95 29.19
C THR A 410 2.42 -12.06 30.31
N ARG A 411 1.31 -11.37 30.08
CA ARG A 411 0.75 -10.47 31.07
C ARG A 411 0.34 -11.21 32.37
N HIS A 412 0.06 -12.49 32.25
CA HIS A 412 -0.28 -13.32 33.39
C HIS A 412 0.91 -14.09 34.00
N GLY A 413 2.13 -13.61 33.74
CA GLY A 413 3.33 -14.10 34.44
C GLY A 413 3.75 -15.52 34.15
N GLU A 414 3.72 -15.89 32.87
CA GLU A 414 4.24 -17.18 32.42
C GLU A 414 5.10 -16.94 31.20
N LYS A 415 6.13 -17.77 31.03
CA LYS A 415 6.88 -17.83 29.79
C LYS A 415 6.06 -18.76 28.95
N ARG A 416 5.59 -18.28 27.79
CA ARG A 416 4.75 -19.08 26.92
C ARG A 416 5.22 -19.02 25.48
N VAL A 417 5.05 -20.15 24.80
CA VAL A 417 5.36 -20.27 23.40
C VAL A 417 4.22 -19.65 22.58
N LEU A 418 4.60 -18.79 21.65
CA LEU A 418 3.66 -18.17 20.73
C LEU A 418 3.04 -19.23 19.82
N LYS A 419 1.72 -19.36 19.90
CA LYS A 419 0.98 -20.40 19.23
C LYS A 419 -0.43 -19.88 18.97
N PRO A 420 -0.57 -18.98 17.96
CA PRO A 420 -1.86 -18.33 17.81
C PRO A 420 -2.97 -19.24 17.32
N ARG A 421 -4.16 -18.97 17.82
CA ARG A 421 -5.35 -19.68 17.44
C ARG A 421 -5.58 -19.60 15.94
N TRP A 422 -5.27 -18.43 15.34
CA TRP A 422 -5.33 -18.21 13.91
C TRP A 422 -3.95 -17.81 13.46
N MET A 423 -3.44 -18.44 12.41
CA MET A 423 -2.11 -18.20 11.86
C MET A 423 -2.19 -17.33 10.60
N ASP A 424 -1.55 -16.17 10.67
CA ASP A 424 -1.37 -15.28 9.52
C ASP A 424 0.13 -15.06 9.40
N ALA A 425 0.69 -15.60 8.36
CA ALA A 425 2.16 -15.61 8.18
C ALA A 425 2.76 -14.20 8.11
N ARG A 426 1.92 -13.19 7.84
CA ARG A 426 2.37 -11.81 7.81
C ARG A 426 2.86 -11.29 9.16
N VAL A 427 2.42 -11.88 10.26
CA VAL A 427 2.87 -11.42 11.58
C VAL A 427 4.21 -12.00 11.98
N CYS A 428 4.75 -12.94 11.22
CA CYS A 428 6.02 -13.58 11.58
C CYS A 428 6.92 -13.86 10.38
N SER A 429 6.83 -13.01 9.36
CA SER A 429 7.52 -13.21 8.06
C SER A 429 8.92 -12.60 8.02
N ASP A 430 9.23 -11.76 8.99
CA ASP A 430 10.57 -11.18 9.10
C ASP A 430 10.77 -10.77 10.56
N HIS A 431 12.01 -10.44 10.92
CA HIS A 431 12.35 -10.27 12.32
C HIS A 431 11.51 -9.16 12.95
N ALA A 432 11.31 -8.05 12.23
CA ALA A 432 10.58 -6.89 12.75
C ALA A 432 9.08 -7.13 12.96
N ALA A 433 8.45 -7.81 12.00
CA ALA A 433 7.07 -8.18 12.14
C ALA A 433 6.93 -9.09 13.34
N LEU A 434 7.84 -10.04 13.49
CA LEU A 434 7.71 -10.96 14.62
C LEU A 434 7.86 -10.26 15.99
N LYS A 435 8.81 -9.34 16.06
CA LYS A 435 9.09 -8.58 17.27
C LYS A 435 7.84 -7.80 17.71
N SER A 436 7.16 -7.17 16.75
CA SER A 436 5.94 -6.46 16.98
C SER A 436 4.83 -7.40 17.43
N PHE A 437 4.76 -8.59 16.86
CA PHE A 437 3.72 -9.52 17.26
C PHE A 437 3.98 -10.08 18.67
N LYS A 438 5.26 -10.30 19.01
CA LYS A 438 5.62 -10.74 20.34
C LYS A 438 5.26 -9.70 21.39
N GLU A 439 5.50 -8.43 21.09
CA GLU A 439 5.05 -7.34 21.96
C GLU A 439 3.53 -7.33 22.17
N PHE A 440 2.80 -7.48 21.06
CA PHE A 440 1.35 -7.57 21.08
C PHE A 440 0.89 -8.72 21.92
N ALA A 441 1.48 -9.90 21.69
CA ALA A 441 1.10 -11.09 22.47
C ALA A 441 1.41 -10.94 23.99
N ALA A 442 2.42 -10.13 24.31
CA ALA A 442 2.78 -9.82 25.70
C ALA A 442 1.88 -8.77 26.39
N GLY A 443 0.93 -8.18 25.64
CA GLY A 443 0.15 -7.05 26.13
C GLY A 443 0.97 -5.77 26.29
N LYS A 444 2.04 -5.62 25.51
CA LYS A 444 3.02 -4.53 25.67
C LYS A 444 3.06 -3.66 24.42
N ARG A 445 2.00 -3.67 23.63
CA ARG A 445 1.85 -2.68 22.56
C ARG A 445 0.97 -1.54 23.06
MN MN B . 1.92 10.40 -9.37
BE BEF C . 3.39 8.57 -11.65
F1 BEF C . 2.78 8.76 -10.25
F2 BEF C . 2.38 7.84 -12.58
F3 BEF C . 4.71 7.72 -11.53
PB ADP D . 3.09 11.48 -12.20
O1B ADP D . 2.25 11.64 -10.95
O2B ADP D . 2.46 11.74 -13.52
O3B ADP D . 3.80 10.15 -12.24
PA ADP D . 4.70 13.63 -11.21
O1A ADP D . 5.07 13.10 -9.83
O2A ADP D . 3.58 14.59 -11.20
O3A ADP D . 4.32 12.50 -12.25
O5' ADP D . 6.09 14.26 -11.77
C5' ADP D . 6.11 15.11 -12.93
C4' ADP D . 7.54 15.45 -13.23
O4' ADP D . 8.09 16.18 -12.11
C3' ADP D . 8.48 14.25 -13.43
O3' ADP D . 9.45 14.49 -14.44
C2' ADP D . 9.17 14.14 -12.09
O2' ADP D . 10.43 13.51 -12.14
C1' ADP D . 9.33 15.62 -11.77
N9 ADP D . 9.64 15.94 -10.37
C8 ADP D . 9.35 15.22 -9.24
N7 ADP D . 9.69 15.83 -8.12
C5 ADP D . 10.24 17.03 -8.55
C6 ADP D . 10.79 18.13 -7.86
N6 ADP D . 10.81 18.22 -6.52
N1 ADP D . 11.27 19.15 -8.59
C2 ADP D . 11.18 19.09 -9.92
N3 ADP D . 10.66 18.13 -10.70
C4 ADP D . 10.21 17.11 -9.94
#